data_2ZDO
#
_entry.id   2ZDO
#
_cell.length_a   46.585
_cell.length_b   58.631
_cell.length_c   59.692
_cell.angle_alpha   77.57
_cell.angle_beta   74.39
_cell.angle_gamma   75.15
#
_symmetry.space_group_name_H-M   'P 1'
#
loop_
_entity.id
_entity.type
_entity.pdbx_description
1 polymer 'Heme-degrading monooxygenase isdG'
2 non-polymer 'PROTOPORPHYRIN IX CONTAINING FE'
3 water water
#
_entity_poly.entity_id   1
_entity_poly.type   'polypeptide(L)'
_entity_poly.pdbx_seq_one_letter_code
;STMKFMAEARLTLTKGTAKDIIERFYTRHGIETLEGFDGMFVTQTLEQEDFDEVKILTVWKSKQAFTDWLKSDVFKAAHK
HVRSKNEDESSPIINNKVITYDIGYSYMK
;
_entity_poly.pdbx_strand_id   A,B,C,D
#
# COMPACT_ATOMS: atom_id res chain seq x y z
N THR A 2 2.62 3.41 -16.56
CA THR A 2 2.04 4.06 -15.32
C THR A 2 0.50 4.00 -15.19
N MET A 3 -0.19 3.51 -16.22
CA MET A 3 -1.59 3.13 -16.10
C MET A 3 -2.53 4.18 -15.48
N LYS A 4 -2.78 5.24 -16.23
CA LYS A 4 -3.61 6.35 -15.78
C LYS A 4 -4.95 6.43 -16.55
N PHE A 5 -5.06 5.74 -17.68
CA PHE A 5 -6.26 5.85 -18.53
C PHE A 5 -6.65 4.48 -19.08
N MET A 6 -7.95 4.16 -19.08
CA MET A 6 -8.44 2.93 -19.69
C MET A 6 -9.45 3.25 -20.79
N ALA A 7 -9.34 2.57 -21.93
CA ALA A 7 -10.39 2.59 -22.94
C ALA A 7 -10.89 1.16 -23.17
N GLU A 8 -12.21 1.03 -23.26
CA GLU A 8 -12.88 -0.25 -23.43
C GLU A 8 -13.71 -0.25 -24.72
N ALA A 9 -13.58 -1.30 -25.53
CA ALA A 9 -14.51 -1.57 -26.61
C ALA A 9 -15.37 -2.76 -26.19
N ARG A 10 -16.67 -2.53 -26.06
CA ARG A 10 -17.59 -3.59 -25.66
C ARG A 10 -18.28 -4.08 -26.92
N LEU A 11 -18.08 -5.36 -27.25
CA LEU A 11 -18.67 -5.97 -28.46
C LEU A 11 -19.80 -6.93 -28.12
N THR A 12 -20.97 -6.71 -28.72
CA THR A 12 -22.07 -7.68 -28.65
C THR A 12 -21.99 -8.60 -29.85
N LEU A 13 -21.95 -9.91 -29.58
CA LEU A 13 -21.70 -10.91 -30.60
C LEU A 13 -22.82 -11.94 -30.63
N THR A 14 -23.01 -12.52 -31.81
CA THR A 14 -23.84 -13.72 -31.95
C THR A 14 -23.38 -14.79 -30.94
N LYS A 15 -24.33 -15.30 -30.16
CA LYS A 15 -24.09 -16.35 -29.17
C LYS A 15 -23.25 -17.48 -29.77
N GLY A 16 -22.18 -17.86 -29.06
CA GLY A 16 -21.31 -18.94 -29.51
C GLY A 16 -20.12 -18.54 -30.38
N THR A 17 -19.97 -17.25 -30.64
CA THR A 17 -18.89 -16.78 -31.51
C THR A 17 -17.71 -16.09 -30.79
N ALA A 18 -17.80 -15.96 -29.47
CA ALA A 18 -16.76 -15.26 -28.70
C ALA A 18 -15.40 -15.90 -28.85
N LYS A 19 -15.34 -17.23 -28.80
CA LYS A 19 -14.04 -17.92 -28.87
C LYS A 19 -13.27 -17.55 -30.13
N ASP A 20 -13.95 -17.64 -31.27
CA ASP A 20 -13.38 -17.25 -32.57
C ASP A 20 -12.85 -15.81 -32.60
N ILE A 21 -13.64 -14.88 -32.08
CA ILE A 21 -13.25 -13.47 -32.02
C ILE A 21 -12.06 -13.28 -31.07
N ILE A 22 -12.12 -13.89 -29.89
CA ILE A 22 -11.06 -13.72 -28.88
C ILE A 22 -9.71 -14.21 -29.40
N GLU A 23 -9.71 -15.35 -30.11
CA GLU A 23 -8.48 -15.88 -30.71
C GLU A 23 -7.74 -14.91 -31.66
N ARG A 24 -8.49 -14.01 -32.30
CA ARG A 24 -7.91 -13.01 -33.19
C ARG A 24 -6.92 -12.09 -32.44
N PHE A 25 -7.19 -11.87 -31.15
CA PHE A 25 -6.36 -10.96 -30.34
C PHE A 25 -5.00 -11.51 -29.94
N TYR A 26 -4.75 -12.79 -30.18
CA TYR A 26 -3.42 -13.36 -29.99
C TYR A 26 -2.37 -12.77 -30.92
N THR A 27 -2.81 -12.19 -32.02
CA THR A 27 -1.91 -11.60 -33.00
C THR A 27 -1.78 -10.09 -32.80
N ARG A 28 -0.56 -9.63 -32.51
CA ARG A 28 -0.33 -8.20 -32.36
C ARG A 28 -0.26 -7.52 -33.71
N HIS A 29 -0.65 -6.23 -33.75
CA HIS A 29 -0.60 -5.42 -34.96
C HIS A 29 0.15 -4.11 -34.77
N GLY A 30 0.92 -4.01 -33.69
CA GLY A 30 1.76 -2.86 -33.49
C GLY A 30 1.42 -1.96 -32.31
N ILE A 31 0.30 -2.22 -31.64
CA ILE A 31 -0.05 -1.41 -30.46
C ILE A 31 1.10 -1.41 -29.42
N GLU A 32 1.82 -2.53 -29.33
CA GLU A 32 2.91 -2.70 -28.36
C GLU A 32 4.11 -1.76 -28.61
N THR A 33 4.14 -1.15 -29.79
CA THR A 33 5.23 -0.25 -30.17
C THR A 33 5.03 1.17 -29.65
N LEU A 34 3.87 1.43 -29.03
CA LEU A 34 3.54 2.80 -28.58
C LEU A 34 3.96 2.92 -27.13
N GLU A 35 4.78 3.93 -26.84
CA GLU A 35 5.32 4.11 -25.48
C GLU A 35 4.20 4.21 -24.43
N GLY A 36 3.11 4.88 -24.79
CA GLY A 36 2.00 5.16 -23.88
C GLY A 36 1.05 3.99 -23.67
N PHE A 37 1.23 2.90 -24.39
CA PHE A 37 0.44 1.68 -24.18
C PHE A 37 1.04 0.83 -23.09
N ASP A 38 0.23 0.41 -22.12
CA ASP A 38 0.69 -0.37 -20.96
C ASP A 38 0.20 -1.79 -21.00
N GLY A 39 -0.96 -2.02 -21.60
CA GLY A 39 -1.47 -3.42 -21.61
C GLY A 39 -2.90 -3.59 -22.06
N MET A 40 -3.35 -4.84 -22.22
CA MET A 40 -4.71 -5.07 -22.67
C MET A 40 -5.24 -6.38 -22.10
N PHE A 41 -6.55 -6.44 -21.94
CA PHE A 41 -7.25 -7.66 -21.53
C PHE A 41 -8.40 -7.84 -22.50
N VAL A 42 -8.70 -9.09 -22.85
CA VAL A 42 -9.85 -9.36 -23.70
C VAL A 42 -10.70 -10.37 -22.92
N THR A 43 -11.92 -9.96 -22.61
CA THR A 43 -12.77 -10.68 -21.68
C THR A 43 -14.06 -11.15 -22.30
N GLN A 44 -14.63 -12.21 -21.74
CA GLN A 44 -15.98 -12.64 -22.08
C GLN A 44 -16.86 -12.60 -20.84
N THR A 45 -17.96 -11.85 -20.92
CA THR A 45 -18.86 -11.74 -19.78
C THR A 45 -19.57 -13.05 -19.48
N LEU A 46 -19.57 -13.44 -18.21
CA LEU A 46 -20.22 -14.67 -17.80
C LEU A 46 -21.71 -14.45 -17.56
N GLU A 47 -22.47 -15.51 -17.82
CA GLU A 47 -23.93 -15.58 -17.58
C GLU A 47 -24.79 -14.77 -18.56
N GLN A 48 -24.28 -14.53 -19.76
CA GLN A 48 -25.04 -13.85 -20.82
C GLN A 48 -25.96 -14.84 -21.53
N GLU A 49 -27.23 -14.45 -21.70
CA GLU A 49 -28.23 -15.37 -22.22
C GLU A 49 -28.39 -15.37 -23.75
N ASP A 50 -28.62 -14.20 -24.35
CA ASP A 50 -29.02 -14.12 -25.77
C ASP A 50 -27.88 -13.82 -26.73
N PHE A 51 -26.81 -13.23 -26.21
CA PHE A 51 -25.65 -12.81 -27.01
C PHE A 51 -24.39 -13.05 -26.20
N ASP A 52 -23.26 -13.22 -26.88
CA ASP A 52 -21.96 -13.25 -26.22
C ASP A 52 -21.54 -11.78 -26.06
N GLU A 53 -20.80 -11.47 -24.99
CA GLU A 53 -20.29 -10.14 -24.82
C GLU A 53 -18.78 -10.19 -24.63
N VAL A 54 -18.05 -9.50 -25.50
CA VAL A 54 -16.59 -9.49 -25.42
C VAL A 54 -16.14 -8.06 -25.17
N LYS A 55 -15.24 -7.87 -24.20
CA LYS A 55 -14.74 -6.53 -23.97
C LYS A 55 -13.25 -6.51 -24.27
N ILE A 56 -12.79 -5.42 -24.89
CA ILE A 56 -11.35 -5.24 -25.08
C ILE A 56 -11.01 -4.06 -24.17
N LEU A 57 -10.22 -4.34 -23.13
CA LEU A 57 -9.79 -3.30 -22.21
C LEU A 57 -8.35 -2.93 -22.52
N THR A 58 -8.08 -1.64 -22.68
CA THR A 58 -6.72 -1.21 -22.94
C THR A 58 -6.30 -0.18 -21.89
N VAL A 59 -5.04 -0.27 -21.47
CA VAL A 59 -4.54 0.53 -20.38
C VAL A 59 -3.40 1.39 -20.92
N TRP A 60 -3.45 2.69 -20.58
CA TRP A 60 -2.58 3.70 -21.17
C TRP A 60 -2.00 4.65 -20.12
N LYS A 61 -0.86 5.23 -20.45
CA LYS A 61 -0.27 6.27 -19.60
C LYS A 61 -1.06 7.58 -19.56
N SER A 62 -1.92 7.81 -20.57
CA SER A 62 -2.67 9.05 -20.71
C SER A 62 -3.79 8.92 -21.75
N LYS A 63 -4.82 9.77 -21.64
CA LYS A 63 -5.86 9.82 -22.67
C LYS A 63 -5.26 10.11 -24.05
N GLN A 64 -4.31 11.03 -24.11
CA GLN A 64 -3.66 11.40 -25.36
C GLN A 64 -3.00 10.21 -26.08
N ALA A 65 -2.33 9.34 -25.33
CA ALA A 65 -1.77 8.11 -25.93
C ALA A 65 -2.82 7.29 -26.67
N PHE A 66 -3.98 7.13 -26.05
CA PHE A 66 -5.10 6.39 -26.64
C PHE A 66 -5.72 7.11 -27.85
N THR A 67 -5.97 8.41 -27.73
CA THR A 67 -6.58 9.12 -28.87
C THR A 67 -5.62 9.20 -30.06
N ASP A 68 -4.32 9.30 -29.79
CA ASP A 68 -3.29 9.20 -30.84
C ASP A 68 -3.29 7.84 -31.54
N TRP A 69 -3.44 6.75 -30.77
CA TRP A 69 -3.55 5.41 -31.34
C TRP A 69 -4.76 5.29 -32.24
N LEU A 70 -5.90 5.85 -31.81
CA LEU A 70 -7.13 5.81 -32.59
C LEU A 70 -6.94 6.29 -34.03
N LYS A 71 -6.11 7.31 -34.22
CA LYS A 71 -5.89 7.83 -35.57
C LYS A 71 -4.58 7.33 -36.22
N SER A 72 -3.93 6.35 -35.58
CA SER A 72 -2.63 5.82 -36.02
C SER A 72 -2.72 4.77 -37.12
N ASP A 73 -1.58 4.53 -37.79
CA ASP A 73 -1.51 3.50 -38.82
C ASP A 73 -1.61 2.09 -38.25
N VAL A 74 -1.09 1.88 -37.05
CA VAL A 74 -1.22 0.55 -36.42
C VAL A 74 -2.66 0.26 -36.01
N PHE A 75 -3.44 1.28 -35.63
CA PHE A 75 -4.88 1.07 -35.44
C PHE A 75 -5.55 0.56 -36.72
N LYS A 76 -5.24 1.20 -37.85
CA LYS A 76 -5.78 0.79 -39.16
C LYS A 76 -5.37 -0.63 -39.53
N ALA A 77 -4.12 -0.98 -39.28
CA ALA A 77 -3.62 -2.31 -39.57
C ALA A 77 -4.41 -3.35 -38.76
N ALA A 78 -4.69 -3.04 -37.50
CA ALA A 78 -5.44 -3.95 -36.63
C ALA A 78 -6.90 -4.13 -37.09
N HIS A 79 -7.49 -3.04 -37.58
CA HIS A 79 -8.92 -3.01 -37.84
C HIS A 79 -9.26 -3.08 -39.34
N LYS A 80 -8.22 -3.27 -40.16
CA LYS A 80 -8.36 -3.28 -41.62
C LYS A 80 -9.45 -4.22 -42.13
N HIS A 81 -9.46 -5.46 -41.63
CA HIS A 81 -10.39 -6.48 -42.10
C HIS A 81 -11.44 -6.83 -41.05
N VAL A 82 -11.80 -5.83 -40.24
CA VAL A 82 -12.86 -5.93 -39.24
C VAL A 82 -14.16 -5.32 -39.76
N ARG A 83 -15.21 -6.14 -39.77
CA ARG A 83 -16.52 -5.68 -40.19
C ARG A 83 -17.57 -6.07 -39.16
N SER A 84 -18.54 -5.19 -38.97
CA SER A 84 -19.72 -5.51 -38.18
C SER A 84 -20.86 -5.99 -39.08
N LYS A 85 -21.90 -6.54 -38.47
CA LYS A 85 -22.99 -7.21 -39.20
C LYS A 85 -23.66 -6.27 -40.22
N ASN A 86 -23.73 -4.98 -39.87
CA ASN A 86 -24.33 -3.95 -40.72
C ASN A 86 -23.58 -3.70 -42.04
N GLU A 87 -22.32 -4.13 -42.07
CA GLU A 87 -21.43 -3.95 -43.21
C GLU A 87 -21.22 -5.26 -43.95
N ASP A 88 -21.23 -6.36 -43.20
CA ASP A 88 -21.03 -7.70 -43.74
C ASP A 88 -21.84 -8.70 -42.90
N GLU A 89 -22.98 -9.13 -43.44
CA GLU A 89 -23.95 -9.95 -42.69
C GLU A 89 -23.36 -11.22 -42.09
N SER A 90 -22.24 -11.68 -42.63
CA SER A 90 -21.55 -12.86 -42.08
C SER A 90 -20.79 -12.60 -40.76
N SER A 91 -20.50 -11.34 -40.45
CA SER A 91 -19.83 -10.97 -39.19
C SER A 91 -20.72 -11.26 -37.98
N PRO A 92 -20.14 -11.88 -36.90
CA PRO A 92 -20.95 -12.03 -35.69
C PRO A 92 -20.98 -10.78 -34.83
N ILE A 93 -20.34 -9.70 -35.28
CA ILE A 93 -20.30 -8.45 -34.49
C ILE A 93 -21.53 -7.59 -34.73
N ILE A 94 -22.42 -7.61 -33.75
CA ILE A 94 -23.71 -6.96 -33.86
C ILE A 94 -23.60 -5.49 -33.51
N ASN A 95 -23.04 -5.20 -32.34
CA ASN A 95 -22.97 -3.85 -31.84
C ASN A 95 -21.64 -3.62 -31.11
N ASN A 96 -21.24 -2.36 -31.00
CA ASN A 96 -20.07 -1.94 -30.27
C ASN A 96 -20.33 -0.64 -29.52
N LYS A 97 -19.75 -0.52 -28.32
CA LYS A 97 -19.81 0.71 -27.55
C LYS A 97 -18.43 1.00 -27.00
N VAL A 98 -18.00 2.25 -27.02
CA VAL A 98 -16.70 2.60 -26.45
C VAL A 98 -16.90 3.40 -25.17
N ILE A 99 -16.21 3.00 -24.11
CA ILE A 99 -16.31 3.66 -22.80
C ILE A 99 -14.89 3.97 -22.35
N THR A 100 -14.68 5.15 -21.78
CA THR A 100 -13.34 5.52 -21.29
C THR A 100 -13.35 5.83 -19.81
N TYR A 101 -12.18 5.69 -19.18
CA TYR A 101 -12.05 5.79 -17.74
C TYR A 101 -10.72 6.43 -17.34
N ASP A 102 -10.72 7.16 -16.22
CA ASP A 102 -9.50 7.50 -15.55
C ASP A 102 -9.16 6.32 -14.65
N ILE A 103 -7.89 5.93 -14.57
CA ILE A 103 -7.51 4.88 -13.60
C ILE A 103 -6.95 5.58 -12.37
N GLY A 104 -7.67 5.45 -11.27
CA GLY A 104 -7.35 6.16 -10.05
C GLY A 104 -6.41 5.38 -9.15
N TYR A 105 -6.39 4.05 -9.31
CA TYR A 105 -5.45 3.24 -8.56
C TYR A 105 -5.22 1.94 -9.34
N SER A 106 -3.99 1.45 -9.30
CA SER A 106 -3.71 0.13 -9.87
C SER A 106 -2.61 -0.58 -9.10
N TYR A 107 -2.66 -1.91 -9.11
CA TYR A 107 -1.64 -2.70 -8.45
C TYR A 107 -1.61 -4.04 -9.13
N MET A 108 -0.45 -4.38 -9.71
CA MET A 108 -0.25 -5.71 -10.30
C MET A 108 0.75 -6.48 -9.43
N LYS A 109 0.31 -7.62 -8.91
CA LYS A 109 1.05 -8.36 -7.88
C LYS A 109 2.36 -8.92 -8.39
N THR B 2 -1.71 -17.21 -16.63
CA THR B 2 -1.77 -16.64 -15.25
C THR B 2 -3.06 -15.83 -14.98
N MET B 3 -3.43 -14.91 -15.87
CA MET B 3 -4.59 -14.04 -15.63
C MET B 3 -5.80 -14.54 -16.41
N LYS B 4 -6.67 -15.31 -15.75
CA LYS B 4 -7.71 -16.05 -16.44
C LYS B 4 -9.15 -15.65 -16.09
N PHE B 5 -9.31 -14.85 -15.04
CA PHE B 5 -10.66 -14.51 -14.56
C PHE B 5 -10.65 -13.09 -14.01
N MET B 6 -11.72 -12.35 -14.28
CA MET B 6 -11.86 -10.98 -13.78
C MET B 6 -13.21 -10.84 -13.10
N ALA B 7 -13.20 -10.17 -11.95
CA ALA B 7 -14.41 -9.79 -11.23
C ALA B 7 -14.43 -8.26 -11.09
N GLU B 8 -15.59 -7.68 -11.37
CA GLU B 8 -15.78 -6.24 -11.26
C GLU B 8 -16.86 -5.89 -10.25
N ALA B 9 -16.58 -4.92 -9.38
CA ALA B 9 -17.63 -4.33 -8.56
C ALA B 9 -17.89 -2.96 -9.14
N ARG B 10 -19.12 -2.71 -9.60
CA ARG B 10 -19.44 -1.43 -10.21
C ARG B 10 -20.22 -0.65 -9.17
N LEU B 11 -19.64 0.46 -8.72
CA LEU B 11 -20.22 1.30 -7.68
C LEU B 11 -20.80 2.56 -8.26
N THR B 12 -22.04 2.85 -7.91
CA THR B 12 -22.66 4.12 -8.28
C THR B 12 -22.60 4.99 -7.03
N LEU B 13 -22.02 6.18 -7.18
CA LEU B 13 -21.72 7.06 -6.04
C LEU B 13 -22.32 8.45 -6.22
N THR B 14 -22.58 9.11 -5.09
CA THR B 14 -22.98 10.50 -5.12
C THR B 14 -21.94 11.26 -5.90
N LYS B 15 -22.41 12.05 -6.86
CA LYS B 15 -21.53 12.85 -7.70
C LYS B 15 -20.55 13.67 -6.85
N GLY B 16 -19.27 13.59 -7.20
CA GLY B 16 -18.21 14.30 -6.49
C GLY B 16 -17.53 13.54 -5.36
N THR B 17 -17.94 12.30 -5.09
CA THR B 17 -17.35 11.54 -4.00
C THR B 17 -16.37 10.45 -4.45
N ALA B 18 -16.21 10.31 -5.76
CA ALA B 18 -15.32 9.29 -6.33
C ALA B 18 -13.88 9.38 -5.82
N LYS B 19 -13.28 10.58 -5.81
CA LYS B 19 -11.91 10.73 -5.31
C LYS B 19 -11.70 10.18 -3.90
N ASP B 20 -12.66 10.46 -3.00
CA ASP B 20 -12.58 10.00 -1.61
C ASP B 20 -12.65 8.47 -1.49
N ILE B 21 -13.50 7.85 -2.29
CA ILE B 21 -13.63 6.39 -2.28
C ILE B 21 -12.35 5.77 -2.86
N ILE B 22 -11.86 6.38 -3.95
CA ILE B 22 -10.70 5.82 -4.66
C ILE B 22 -9.44 5.80 -3.78
N GLU B 23 -9.23 6.86 -3.01
CA GLU B 23 -8.05 6.94 -2.13
C GLU B 23 -7.97 5.82 -1.09
N ARG B 24 -9.11 5.25 -0.74
CA ARG B 24 -9.16 4.14 0.21
C ARG B 24 -8.41 2.90 -0.30
N PHE B 25 -8.30 2.78 -1.62
CA PHE B 25 -7.73 1.57 -2.23
C PHE B 25 -6.20 1.46 -2.16
N TYR B 26 -5.56 2.57 -1.80
CA TYR B 26 -4.11 2.57 -1.52
C TYR B 26 -3.71 1.67 -0.34
N THR B 27 -4.66 1.41 0.54
CA THR B 27 -4.42 0.61 1.73
C THR B 27 -4.86 -0.84 1.52
N ARG B 28 -3.90 -1.77 1.55
CA ARG B 28 -4.21 -3.21 1.44
C ARG B 28 -4.85 -3.76 2.70
N HIS B 29 -5.72 -4.75 2.52
CA HIS B 29 -6.34 -5.47 3.63
C HIS B 29 -6.16 -6.98 3.52
N GLY B 30 -5.23 -7.41 2.68
CA GLY B 30 -4.83 -8.82 2.64
C GLY B 30 -5.11 -9.56 1.33
N ILE B 31 -5.82 -8.92 0.40
CA ILE B 31 -6.06 -9.54 -0.91
C ILE B 31 -4.76 -9.99 -1.57
N GLU B 32 -3.70 -9.23 -1.33
CA GLU B 32 -2.37 -9.53 -1.86
C GLU B 32 -1.78 -10.85 -1.38
N THR B 33 -2.28 -11.38 -0.26
CA THR B 33 -1.77 -12.62 0.32
C THR B 33 -2.26 -13.87 -0.41
N LEU B 34 -3.28 -13.70 -1.27
CA LEU B 34 -3.87 -14.83 -2.02
C LEU B 34 -3.06 -15.18 -3.25
N GLU B 35 -2.61 -16.42 -3.31
CA GLU B 35 -1.78 -16.91 -4.42
C GLU B 35 -2.50 -16.68 -5.76
N GLY B 36 -3.82 -16.82 -5.75
CA GLY B 36 -4.63 -16.70 -6.95
C GLY B 36 -4.91 -15.28 -7.41
N PHE B 37 -4.57 -14.28 -6.59
CA PHE B 37 -4.80 -12.88 -6.96
C PHE B 37 -3.65 -12.31 -7.78
N ASP B 38 -3.97 -11.68 -8.91
CA ASP B 38 -2.95 -11.12 -9.82
C ASP B 38 -2.85 -9.61 -9.80
N GLY B 39 -3.97 -8.93 -9.56
CA GLY B 39 -3.88 -7.46 -9.63
C GLY B 39 -5.25 -6.81 -9.64
N MET B 40 -5.26 -5.47 -9.60
CA MET B 40 -6.50 -4.73 -9.49
C MET B 40 -6.33 -3.35 -10.10
N PHE B 41 -7.44 -2.80 -10.57
CA PHE B 41 -7.53 -1.45 -11.13
C PHE B 41 -8.78 -0.86 -10.53
N VAL B 42 -8.70 0.40 -10.16
CA VAL B 42 -9.89 1.13 -9.69
C VAL B 42 -10.05 2.32 -10.63
N THR B 43 -11.19 2.38 -11.31
CA THR B 43 -11.41 3.32 -12.40
C THR B 43 -12.60 4.22 -12.10
N GLN B 44 -12.60 5.40 -12.71
CA GLN B 44 -13.78 6.25 -12.67
C GLN B 44 -14.25 6.48 -14.11
N THR B 45 -15.51 6.22 -14.38
CA THR B 45 -16.03 6.33 -15.73
C THR B 45 -16.12 7.80 -16.14
N LEU B 46 -15.60 8.10 -17.33
CA LEU B 46 -15.65 9.47 -17.84
C LEU B 46 -17.02 9.79 -18.42
N GLU B 47 -17.41 11.06 -18.34
CA GLU B 47 -18.64 11.57 -18.94
C GLU B 47 -19.94 11.09 -18.28
N GLN B 48 -19.93 10.94 -16.97
CA GLN B 48 -21.14 10.57 -16.25
C GLN B 48 -21.89 11.80 -15.79
N GLU B 49 -23.20 11.80 -15.99
CA GLU B 49 -24.04 12.95 -15.63
C GLU B 49 -24.47 13.00 -14.16
N ASP B 50 -25.31 12.07 -13.75
CA ASP B 50 -26.03 12.18 -12.47
C ASP B 50 -25.26 11.71 -11.25
N PHE B 51 -24.38 10.74 -11.47
CA PHE B 51 -23.65 10.08 -10.40
C PHE B 51 -22.20 9.88 -10.87
N ASP B 52 -21.32 9.61 -9.92
CA ASP B 52 -19.98 9.13 -10.25
C ASP B 52 -20.08 7.62 -10.38
N GLU B 53 -19.25 7.03 -11.23
CA GLU B 53 -19.24 5.57 -11.31
C GLU B 53 -17.79 5.13 -11.07
N VAL B 54 -17.58 4.26 -10.09
CA VAL B 54 -16.24 3.73 -9.80
C VAL B 54 -16.32 2.21 -9.99
N LYS B 55 -15.37 1.64 -10.74
CA LYS B 55 -15.33 0.20 -10.91
C LYS B 55 -14.09 -0.36 -10.25
N ILE B 56 -14.23 -1.45 -9.50
CA ILE B 56 -13.07 -2.10 -8.94
C ILE B 56 -12.90 -3.38 -9.74
N LEU B 57 -11.81 -3.46 -10.49
CA LEU B 57 -11.57 -4.59 -11.37
C LEU B 57 -10.49 -5.44 -10.75
N THR B 58 -10.76 -6.73 -10.58
CA THR B 58 -9.78 -7.62 -9.95
C THR B 58 -9.49 -8.77 -10.90
N VAL B 59 -8.21 -9.13 -10.99
CA VAL B 59 -7.70 -10.13 -11.93
C VAL B 59 -7.15 -11.31 -11.16
N TRP B 60 -7.54 -12.51 -11.60
CA TRP B 60 -7.31 -13.72 -10.82
C TRP B 60 -6.81 -14.85 -11.73
N LYS B 61 -6.08 -15.78 -11.12
CA LYS B 61 -5.61 -16.99 -11.80
C LYS B 61 -6.76 -17.97 -12.13
N SER B 62 -7.88 -17.85 -11.39
CA SER B 62 -9.05 -18.72 -11.55
C SER B 62 -10.29 -18.10 -10.93
N LYS B 63 -11.46 -18.52 -11.42
CA LYS B 63 -12.72 -18.22 -10.73
C LYS B 63 -12.70 -18.66 -9.26
N GLN B 64 -12.12 -19.84 -9.00
CA GLN B 64 -12.03 -20.39 -7.63
C GLN B 64 -11.28 -19.44 -6.67
N ALA B 65 -10.21 -18.80 -7.15
CA ALA B 65 -9.47 -17.85 -6.30
C ALA B 65 -10.39 -16.69 -5.86
N PHE B 66 -11.19 -16.18 -6.78
CA PHE B 66 -12.11 -15.09 -6.49
C PHE B 66 -13.24 -15.57 -5.55
N THR B 67 -13.80 -16.75 -5.84
CA THR B 67 -14.93 -17.21 -5.03
C THR B 67 -14.50 -17.50 -3.57
N ASP B 68 -13.27 -18.00 -3.41
CA ASP B 68 -12.67 -18.20 -2.11
C ASP B 68 -12.43 -16.86 -1.40
N TRP B 69 -11.92 -15.87 -2.14
CA TRP B 69 -11.75 -14.53 -1.55
C TRP B 69 -13.04 -13.98 -0.97
N LEU B 70 -14.13 -14.06 -1.73
CA LEU B 70 -15.42 -13.59 -1.27
C LEU B 70 -15.79 -14.17 0.09
N LYS B 71 -15.38 -15.42 0.34
CA LYS B 71 -15.68 -16.14 1.59
C LYS B 71 -14.58 -15.97 2.67
N SER B 72 -13.54 -15.19 2.37
CA SER B 72 -12.34 -15.17 3.24
C SER B 72 -12.44 -14.15 4.37
N ASP B 73 -11.61 -14.35 5.40
CA ASP B 73 -11.46 -13.36 6.47
C ASP B 73 -10.94 -12.02 5.97
N VAL B 74 -10.04 -12.03 4.99
CA VAL B 74 -9.48 -10.75 4.48
C VAL B 74 -10.52 -9.93 3.71
N PHE B 75 -11.43 -10.61 3.00
CA PHE B 75 -12.54 -9.91 2.37
C PHE B 75 -13.37 -9.21 3.43
N LYS B 76 -13.68 -9.94 4.51
CA LYS B 76 -14.44 -9.37 5.66
C LYS B 76 -13.74 -8.11 6.24
N ALA B 77 -12.43 -8.20 6.40
CA ALA B 77 -11.62 -7.11 6.93
C ALA B 77 -11.67 -5.89 6.05
N ALA B 78 -11.52 -6.09 4.73
CA ALA B 78 -11.54 -4.96 3.79
C ALA B 78 -12.90 -4.24 3.85
N HIS B 79 -13.97 -5.01 4.03
CA HIS B 79 -15.32 -4.46 3.89
C HIS B 79 -16.04 -4.23 5.23
N LYS B 80 -15.29 -4.34 6.32
CA LYS B 80 -15.84 -4.26 7.67
C LYS B 80 -16.65 -2.99 7.90
N HIS B 81 -16.08 -1.85 7.49
CA HIS B 81 -16.68 -0.55 7.71
C HIS B 81 -17.30 0.03 6.44
N VAL B 82 -17.59 -0.84 5.49
CA VAL B 82 -18.22 -0.43 4.24
C VAL B 82 -19.73 -0.53 4.37
N ARG B 83 -20.39 0.61 4.24
CA ARG B 83 -21.84 0.68 4.27
C ARG B 83 -22.34 1.38 3.02
N SER B 84 -23.50 0.95 2.52
CA SER B 84 -24.19 1.67 1.46
C SER B 84 -25.27 2.57 2.05
N LYS B 85 -25.78 3.49 1.23
CA LYS B 85 -26.69 4.54 1.71
C LYS B 85 -27.92 4.01 2.47
N ASN B 86 -28.39 2.83 2.09
CA ASN B 86 -29.52 2.15 2.75
C ASN B 86 -29.23 1.71 4.20
N GLU B 87 -27.94 1.57 4.53
CA GLU B 87 -27.49 1.13 5.85
C GLU B 87 -26.97 2.31 6.66
N ASP B 88 -26.43 3.30 5.95
CA ASP B 88 -25.88 4.51 6.55
C ASP B 88 -26.13 5.66 5.57
N GLU B 89 -27.05 6.56 5.92
CA GLU B 89 -27.45 7.68 5.06
C GLU B 89 -26.29 8.58 4.60
N SER B 90 -25.22 8.62 5.40
CA SER B 90 -24.06 9.44 5.08
C SER B 90 -23.14 8.79 4.03
N SER B 91 -23.38 7.53 3.72
CA SER B 91 -22.58 6.83 2.70
C SER B 91 -22.91 7.35 1.31
N PRO B 92 -21.87 7.59 0.48
CA PRO B 92 -22.12 8.01 -0.90
C PRO B 92 -22.40 6.84 -1.86
N ILE B 93 -22.39 5.61 -1.35
CA ILE B 93 -22.59 4.45 -2.21
C ILE B 93 -24.09 4.25 -2.50
N ILE B 94 -24.49 4.55 -3.74
CA ILE B 94 -25.89 4.54 -4.17
C ILE B 94 -26.35 3.14 -4.58
N ASN B 95 -25.52 2.43 -5.36
CA ASN B 95 -25.88 1.13 -5.90
C ASN B 95 -24.58 0.37 -6.13
N ASN B 96 -24.65 -0.95 -6.17
CA ASN B 96 -23.50 -1.77 -6.55
C ASN B 96 -23.98 -2.92 -7.43
N LYS B 97 -23.19 -3.31 -8.42
CA LYS B 97 -23.43 -4.53 -9.17
C LYS B 97 -22.09 -5.25 -9.34
N VAL B 98 -22.12 -6.59 -9.31
CA VAL B 98 -20.94 -7.42 -9.52
C VAL B 98 -21.07 -8.14 -10.87
N ILE B 99 -20.01 -8.10 -11.68
CA ILE B 99 -20.02 -8.74 -12.99
C ILE B 99 -18.74 -9.56 -13.04
N THR B 100 -18.80 -10.77 -13.60
CA THR B 100 -17.60 -11.60 -13.74
C THR B 100 -17.36 -11.98 -15.18
N TYR B 101 -16.11 -12.33 -15.49
CA TYR B 101 -15.65 -12.52 -16.86
C TYR B 101 -14.57 -13.60 -16.91
N ASP B 102 -14.55 -14.37 -17.99
CA ASP B 102 -13.34 -15.11 -18.34
C ASP B 102 -12.38 -14.14 -19.03
N ILE B 103 -11.09 -14.21 -18.72
CA ILE B 103 -10.12 -13.43 -19.50
C ILE B 103 -9.58 -14.37 -20.57
N GLY B 104 -9.88 -14.06 -21.83
CA GLY B 104 -9.49 -14.94 -22.92
C GLY B 104 -8.10 -14.62 -23.46
N TYR B 105 -7.65 -13.39 -23.26
CA TYR B 105 -6.33 -12.95 -23.67
C TYR B 105 -5.90 -11.82 -22.76
N SER B 106 -4.61 -11.81 -22.40
CA SER B 106 -4.04 -10.69 -21.67
C SER B 106 -2.61 -10.45 -22.10
N TYR B 107 -2.21 -9.19 -22.04
CA TYR B 107 -0.83 -8.84 -22.30
C TYR B 107 -0.51 -7.55 -21.58
N MET B 108 0.43 -7.63 -20.64
CA MET B 108 0.89 -6.45 -19.92
C MET B 108 2.30 -6.14 -20.40
N LYS B 109 2.47 -4.93 -20.91
CA LYS B 109 3.68 -4.56 -21.65
C LYS B 109 4.92 -4.61 -20.76
N THR C 2 -3.05 -1.09 20.39
CA THR C 2 -2.74 -0.77 21.82
C THR C 2 -1.23 -0.61 22.14
N MET C 3 -0.37 -1.17 21.29
CA MET C 3 1.04 -0.77 21.22
C MET C 3 1.84 -0.98 22.51
N LYS C 4 2.18 -2.23 22.79
CA LYS C 4 2.93 -2.60 24.00
C LYS C 4 4.32 -3.19 23.72
N PHE C 5 4.60 -3.46 22.45
CA PHE C 5 5.84 -4.15 22.07
C PHE C 5 6.35 -3.63 20.73
N MET C 6 7.67 -3.43 20.64
CA MET C 6 8.29 -2.98 19.41
C MET C 6 9.42 -3.93 19.06
N ALA C 7 9.47 -4.30 17.78
CA ALA C 7 10.62 -5.02 17.24
C ALA C 7 11.24 -4.19 16.12
N GLU C 8 12.58 -4.13 16.10
CA GLU C 8 13.32 -3.35 15.11
C GLU C 8 14.28 -4.24 14.35
N ALA C 9 14.29 -4.12 13.02
CA ALA C 9 15.30 -4.72 12.17
C ALA C 9 16.20 -3.58 11.75
N ARG C 10 17.47 -3.63 12.16
CA ARG C 10 18.41 -2.58 11.81
C ARG C 10 19.27 -3.11 10.67
N LEU C 11 19.18 -2.47 9.50
CA LEU C 11 19.91 -2.94 8.31
C LEU C 11 21.03 -1.99 7.99
N THR C 12 22.23 -2.55 7.85
CA THR C 12 23.38 -1.78 7.32
C THR C 12 23.48 -2.02 5.81
N LEU C 13 23.47 -0.94 5.04
CA LEU C 13 23.40 -1.00 3.58
C LEU C 13 24.58 -0.30 2.93
N THR C 14 24.95 -0.77 1.74
CA THR C 14 25.84 -0.02 0.86
C THR C 14 25.35 1.44 0.76
N LYS C 15 26.25 2.39 0.98
CA LYS C 15 25.97 3.81 0.86
C LYS C 15 25.30 4.12 -0.47
N GLY C 16 24.15 4.80 -0.40
CA GLY C 16 23.41 5.22 -1.58
C GLY C 16 22.30 4.28 -2.03
N THR C 17 22.10 3.20 -1.29
CA THR C 17 21.08 2.20 -1.65
C THR C 17 19.82 2.24 -0.78
N ALA C 18 19.81 3.09 0.23
CA ALA C 18 18.67 3.17 1.14
C ALA C 18 17.34 3.51 0.45
N LYS C 19 17.33 4.50 -0.45
CA LYS C 19 16.10 4.86 -1.18
C LYS C 19 15.44 3.65 -1.86
N ASP C 20 16.23 2.86 -2.57
CA ASP C 20 15.72 1.68 -3.25
C ASP C 20 15.14 0.63 -2.30
N ILE C 21 15.78 0.45 -1.15
CA ILE C 21 15.30 -0.50 -0.16
C ILE C 21 14.00 0.03 0.47
N ILE C 22 13.98 1.32 0.79
CA ILE C 22 12.85 1.94 1.47
C ILE C 22 11.58 1.82 0.61
N GLU C 23 11.74 1.96 -0.71
CA GLU C 23 10.57 1.96 -1.61
C GLU C 23 9.85 0.62 -1.66
N ARG C 24 10.57 -0.44 -1.34
CA ARG C 24 10.01 -1.79 -1.28
C ARG C 24 8.95 -1.92 -0.19
N PHE C 25 9.03 -1.06 0.82
CA PHE C 25 8.09 -1.11 1.97
C PHE C 25 6.71 -0.51 1.70
N TYR C 26 6.54 0.15 0.55
CA TYR C 26 5.22 0.63 0.14
C TYR C 26 4.25 -0.50 -0.22
N THR C 27 4.81 -1.66 -0.52
CA THR C 27 4.01 -2.84 -0.90
C THR C 27 3.82 -3.76 0.28
N ARG C 28 2.57 -3.95 0.71
CA ARG C 28 2.27 -4.85 1.82
C ARG C 28 2.33 -6.31 1.39
N HIS C 29 2.68 -7.18 2.33
CA HIS C 29 2.74 -8.62 2.07
C HIS C 29 1.93 -9.43 3.08
N GLY C 30 1.06 -8.76 3.83
CA GLY C 30 0.13 -9.44 4.70
C GLY C 30 0.29 -9.16 6.19
N ILE C 31 1.33 -8.43 6.59
CA ILE C 31 1.48 -8.13 8.04
C ILE C 31 0.25 -7.38 8.60
N GLU C 32 -0.40 -6.61 7.74
CA GLU C 32 -1.55 -5.78 8.14
C GLU C 32 -2.77 -6.61 8.53
N THR C 33 -2.78 -7.89 8.14
CA THR C 33 -3.92 -8.78 8.40
C THR C 33 -3.87 -9.35 9.81
N LEU C 34 -2.75 -9.15 10.51
CA LEU C 34 -2.60 -9.67 11.88
C LEU C 34 -3.24 -8.75 12.89
N GLU C 35 -4.16 -9.28 13.70
CA GLU C 35 -4.84 -8.51 14.73
C GLU C 35 -3.85 -7.81 15.69
N GLY C 36 -2.73 -8.47 15.92
CA GLY C 36 -1.75 -8.02 16.91
C GLY C 36 -0.76 -6.99 16.36
N PHE C 37 -0.83 -6.70 15.06
CA PHE C 37 0.03 -5.69 14.44
C PHE C 37 -0.64 -4.32 14.47
N ASP C 38 0.09 -3.32 14.96
CA ASP C 38 -0.45 -1.96 15.08
C ASP C 38 0.13 -0.98 14.06
N GLY C 39 1.37 -1.20 13.63
CA GLY C 39 1.98 -0.22 12.73
C GLY C 39 3.46 -0.37 12.49
N MET C 40 3.99 0.43 11.56
CA MET C 40 5.40 0.34 11.20
C MET C 40 5.94 1.69 10.74
N PHE C 41 7.26 1.84 10.87
CA PHE C 41 7.98 3.00 10.41
C PHE C 41 9.23 2.43 9.78
N VAL C 42 9.62 2.99 8.65
CA VAL C 42 10.92 2.65 8.05
C VAL C 42 11.72 3.94 8.01
N THR C 43 12.87 3.92 8.68
CA THR C 43 13.67 5.13 8.87
C THR C 43 15.06 5.00 8.26
N GLN C 44 15.66 6.16 7.99
CA GLN C 44 17.06 6.23 7.53
C GLN C 44 17.81 7.13 8.48
N THR C 45 18.85 6.60 9.10
CA THR C 45 19.62 7.35 10.09
C THR C 45 20.40 8.48 9.42
N LEU C 46 20.32 9.67 10.00
CA LEU C 46 20.99 10.81 9.41
C LEU C 46 22.46 10.83 9.83
N GLU C 47 23.27 11.54 9.04
CA GLU C 47 24.70 11.77 9.30
C GLU C 47 25.56 10.51 9.39
N GLN C 48 25.19 9.48 8.62
CA GLN C 48 25.95 8.22 8.54
C GLN C 48 27.08 8.29 7.51
N GLU C 49 28.31 8.08 7.95
CA GLU C 49 29.50 8.20 7.10
C GLU C 49 29.66 7.10 6.03
N ASP C 50 29.92 5.86 6.45
CA ASP C 50 30.42 4.85 5.51
C ASP C 50 29.35 3.97 4.86
N PHE C 51 28.19 3.88 5.51
CA PHE C 51 27.10 3.04 5.05
C PHE C 51 25.79 3.78 5.26
N ASP C 52 24.74 3.29 4.62
CA ASP C 52 23.39 3.75 4.97
C ASP C 52 22.88 2.88 6.09
N GLU C 53 22.01 3.42 6.95
CA GLU C 53 21.41 2.58 7.95
C GLU C 53 19.91 2.75 7.85
N VAL C 54 19.22 1.64 7.66
CA VAL C 54 17.75 1.64 7.58
C VAL C 54 17.20 0.81 8.71
N LYS C 55 16.24 1.36 9.46
CA LYS C 55 15.60 0.60 10.50
C LYS C 55 14.15 0.35 10.13
N ILE C 56 13.68 -0.87 10.37
CA ILE C 56 12.26 -1.18 10.22
C ILE C 56 11.74 -1.35 11.62
N LEU C 57 10.88 -0.44 12.03
CA LEU C 57 10.29 -0.48 13.37
C LEU C 57 8.85 -0.97 13.28
N THR C 58 8.54 -2.01 14.05
CA THR C 58 7.19 -2.57 14.05
C THR C 58 6.59 -2.54 15.44
N VAL C 59 5.31 -2.19 15.51
CA VAL C 59 4.64 -1.97 16.76
C VAL C 59 3.50 -2.97 16.89
N TRP C 60 3.42 -3.58 18.08
CA TRP C 60 2.57 -4.76 18.29
C TRP C 60 1.81 -4.67 19.60
N LYS C 61 0.69 -5.36 19.66
CA LYS C 61 -0.08 -5.49 20.90
C LYS C 61 0.65 -6.31 21.97
N SER C 62 1.53 -7.23 21.54
CA SER C 62 2.26 -8.12 22.43
C SER C 62 3.49 -8.69 21.75
N LYS C 63 4.45 -9.15 22.56
CA LYS C 63 5.60 -9.91 22.06
C LYS C 63 5.15 -11.12 21.26
N GLN C 64 4.12 -11.79 21.77
CA GLN C 64 3.57 -13.00 21.16
C GLN C 64 3.08 -12.75 19.74
N ALA C 65 2.43 -11.61 19.52
CA ALA C 65 1.97 -11.23 18.18
C ALA C 65 3.14 -11.22 17.21
N PHE C 66 4.25 -10.61 17.63
CA PHE C 66 5.48 -10.54 16.84
C PHE C 66 6.17 -11.89 16.60
N THR C 67 6.33 -12.68 17.64
CA THR C 67 7.03 -13.98 17.48
C THR C 67 6.21 -14.94 16.60
N ASP C 68 4.89 -14.92 16.74
CA ASP C 68 3.98 -15.63 15.83
C ASP C 68 4.11 -15.16 14.37
N TRP C 69 4.31 -13.86 14.16
CA TRP C 69 4.55 -13.34 12.80
C TRP C 69 5.85 -13.86 12.20
N LEU C 70 6.92 -13.87 13.01
CA LEU C 70 8.22 -14.38 12.56
C LEU C 70 8.15 -15.77 11.93
N LYS C 71 7.27 -16.62 12.44
CA LYS C 71 7.15 -18.01 11.94
C LYS C 71 5.93 -18.21 11.02
N SER C 72 5.35 -17.10 10.56
CA SER C 72 4.15 -17.15 9.74
C SER C 72 4.42 -17.16 8.23
N ASP C 73 3.42 -17.61 7.48
CA ASP C 73 3.42 -17.56 6.01
C ASP C 73 3.61 -16.14 5.44
N VAL C 74 2.94 -15.14 6.02
CA VAL C 74 3.10 -13.78 5.49
C VAL C 74 4.54 -13.27 5.68
N PHE C 75 5.18 -13.65 6.79
CA PHE C 75 6.59 -13.31 6.96
C PHE C 75 7.42 -13.88 5.82
N LYS C 76 7.23 -15.18 5.52
CA LYS C 76 7.96 -15.84 4.43
C LYS C 76 7.72 -15.17 3.08
N ALA C 77 6.48 -14.75 2.84
CA ALA C 77 6.13 -14.02 1.62
C ALA C 77 6.87 -12.70 1.50
N ALA C 78 6.90 -11.94 2.59
CA ALA C 78 7.60 -10.67 2.64
C ALA C 78 9.09 -10.86 2.33
N HIS C 79 9.68 -11.94 2.86
CA HIS C 79 11.13 -12.12 2.87
C HIS C 79 11.63 -13.19 1.90
N LYS C 80 10.75 -13.64 1.02
CA LYS C 80 11.04 -14.70 0.05
C LYS C 80 12.26 -14.41 -0.83
N HIS C 81 12.33 -13.18 -1.35
CA HIS C 81 13.42 -12.84 -2.26
C HIS C 81 14.53 -12.03 -1.58
N VAL C 82 14.44 -11.86 -0.26
CA VAL C 82 15.39 -11.05 0.48
C VAL C 82 16.68 -11.82 0.76
N ARG C 83 17.78 -11.31 0.19
CA ARG C 83 19.10 -11.88 0.40
C ARG C 83 20.04 -10.82 0.93
N SER C 84 20.98 -11.22 1.78
CA SER C 84 22.07 -10.35 2.19
C SER C 84 23.29 -10.64 1.30
N LYS C 85 24.29 -9.77 1.41
CA LYS C 85 25.50 -9.85 0.59
C LYS C 85 26.21 -11.20 0.70
N ASN C 86 26.20 -11.80 1.88
CA ASN C 86 26.82 -13.11 2.12
C ASN C 86 26.17 -14.25 1.32
N GLU C 87 24.91 -14.06 0.92
CA GLU C 87 24.15 -15.06 0.18
C GLU C 87 24.13 -14.71 -1.29
N ASP C 88 24.06 -13.40 -1.57
CA ASP C 88 24.01 -12.88 -2.92
C ASP C 88 24.77 -11.57 -2.91
N GLU C 89 25.98 -11.57 -3.47
CA GLU C 89 26.84 -10.39 -3.34
C GLU C 89 26.37 -9.13 -4.09
N SER C 90 25.34 -9.27 -4.92
CA SER C 90 24.71 -8.10 -5.56
C SER C 90 23.76 -7.36 -4.59
N SER C 91 23.42 -7.99 -3.47
CA SER C 91 22.57 -7.36 -2.44
C SER C 91 23.29 -6.20 -1.73
N PRO C 92 22.57 -5.08 -1.48
CA PRO C 92 23.18 -4.01 -0.69
C PRO C 92 23.12 -4.23 0.81
N ILE C 93 22.50 -5.33 1.25
CA ILE C 93 22.36 -5.62 2.67
C ILE C 93 23.60 -6.31 3.26
N ILE C 94 24.37 -5.52 4.00
CA ILE C 94 25.66 -5.92 4.55
C ILE C 94 25.50 -6.61 5.91
N ASN C 95 24.66 -6.03 6.76
CA ASN C 95 24.48 -6.55 8.10
C ASN C 95 23.05 -6.29 8.57
N ASN C 96 22.56 -7.12 9.49
CA ASN C 96 21.28 -6.92 10.14
C ASN C 96 21.36 -7.27 11.62
N LYS C 97 20.59 -6.55 12.44
CA LYS C 97 20.48 -6.85 13.87
C LYS C 97 19.02 -6.66 14.28
N VAL C 98 18.50 -7.55 15.13
CA VAL C 98 17.12 -7.43 15.63
C VAL C 98 17.16 -7.02 17.10
N ILE C 99 16.39 -5.99 17.45
CA ILE C 99 16.37 -5.43 18.79
C ILE C 99 14.89 -5.36 19.16
N THR C 100 14.55 -5.75 20.38
CA THR C 100 13.14 -5.68 20.84
C THR C 100 12.96 -4.85 22.10
N TYR C 101 11.74 -4.35 22.30
CA TYR C 101 11.44 -3.37 23.31
C TYR C 101 10.05 -3.57 23.87
N ASP C 102 9.91 -3.29 25.17
CA ASP C 102 8.59 -3.00 25.73
C ASP C 102 8.26 -1.55 25.42
N ILE C 103 7.02 -1.29 25.01
CA ILE C 103 6.56 0.09 24.87
C ILE C 103 5.85 0.51 26.15
N GLY C 104 6.51 1.39 26.90
CA GLY C 104 5.98 1.89 28.18
C GLY C 104 4.92 2.99 28.07
N TYR C 105 4.96 3.73 26.96
CA TYR C 105 4.05 4.84 26.75
C TYR C 105 4.02 5.15 25.26
N SER C 106 2.84 5.49 24.76
CA SER C 106 2.73 5.98 23.39
C SER C 106 1.64 7.04 23.29
N TYR C 107 1.83 7.98 22.36
CA TYR C 107 0.82 8.99 22.08
C TYR C 107 0.94 9.44 20.63
N MET C 108 -0.09 9.17 19.85
CA MET C 108 -0.15 9.64 18.46
C MET C 108 -1.14 10.79 18.39
N LYS C 109 -0.68 11.95 17.89
CA LYS C 109 -1.44 13.19 17.98
C LYS C 109 -2.71 13.18 17.13
N SER D 1 -1.83 12.77 10.29
CA SER D 1 -0.39 13.14 10.38
C SER D 1 0.34 12.82 9.08
N THR D 2 1.39 13.57 8.78
CA THR D 2 2.36 13.08 7.80
C THR D 2 3.78 13.13 8.32
N MET D 3 4.27 11.94 8.61
CA MET D 3 5.34 11.73 9.55
C MET D 3 6.62 11.58 8.74
N LYS D 4 7.43 12.62 8.72
CA LYS D 4 8.63 12.61 7.88
C LYS D 4 9.98 12.61 8.59
N PHE D 5 10.00 12.80 9.91
CA PHE D 5 11.27 12.96 10.65
C PHE D 5 11.07 12.37 12.04
N MET D 6 12.07 11.64 12.51
CA MET D 6 12.06 11.07 13.85
C MET D 6 13.32 11.52 14.58
N ALA D 7 13.14 11.94 15.83
CA ALA D 7 14.25 12.18 16.74
C ALA D 7 14.14 11.25 17.94
N GLU D 8 15.26 10.65 18.34
CA GLU D 8 15.30 9.71 19.43
C GLU D 8 16.25 10.23 20.51
N ALA D 9 15.82 10.19 21.76
CA ALA D 9 16.73 10.38 22.88
C ALA D 9 16.96 9.00 23.47
N ARG D 10 18.21 8.55 23.46
CA ARG D 10 18.54 7.22 23.98
C ARG D 10 19.14 7.43 25.36
N LEU D 11 18.46 6.90 26.38
CA LEU D 11 18.82 7.14 27.78
C LEU D 11 19.37 5.87 28.41
N THR D 12 20.58 5.97 28.96
CA THR D 12 21.15 4.87 29.75
C THR D 12 20.88 5.21 31.22
N LEU D 13 20.20 4.30 31.91
CA LEU D 13 19.73 4.52 33.28
C LEU D 13 20.27 3.47 34.22
N THR D 14 20.40 3.81 35.50
CA THR D 14 20.71 2.83 36.55
C THR D 14 19.72 1.65 36.47
N LYS D 15 20.25 0.45 36.52
CA LYS D 15 19.41 -0.75 36.47
C LYS D 15 18.24 -0.66 37.45
N GLY D 16 17.05 -1.00 36.95
CA GLY D 16 15.85 -1.06 37.77
C GLY D 16 15.13 0.26 37.95
N THR D 17 15.58 1.31 37.28
CA THR D 17 14.96 2.63 37.42
C THR D 17 14.08 3.08 36.25
N ALA D 18 13.98 2.24 35.21
CA ALA D 18 13.24 2.61 34.00
C ALA D 18 11.76 2.88 34.29
N LYS D 19 11.15 2.03 35.11
CA LYS D 19 9.72 2.16 35.42
C LYS D 19 9.38 3.55 35.91
N ASP D 20 10.19 4.03 36.86
CA ASP D 20 10.00 5.34 37.49
C ASP D 20 10.02 6.47 36.45
N ILE D 21 10.98 6.42 35.52
CA ILE D 21 11.12 7.46 34.51
C ILE D 21 10.02 7.41 33.44
N ILE D 22 9.64 6.20 33.01
CA ILE D 22 8.60 6.02 31.99
C ILE D 22 7.25 6.63 32.43
N GLU D 23 6.90 6.45 33.70
CA GLU D 23 5.61 6.94 34.20
C GLU D 23 5.44 8.46 34.16
N ARG D 24 6.55 9.17 34.05
CA ARG D 24 6.51 10.63 33.95
C ARG D 24 5.94 11.12 32.61
N PHE D 25 5.97 10.25 31.59
CA PHE D 25 5.61 10.66 30.23
C PHE D 25 4.11 10.73 30.00
N TYR D 26 3.35 10.31 30.99
CA TYR D 26 1.90 10.41 30.96
C TYR D 26 1.44 11.86 31.02
N THR D 27 2.28 12.74 31.56
CA THR D 27 1.97 14.15 31.73
C THR D 27 2.55 14.99 30.62
N ARG D 28 1.68 15.68 29.89
CA ARG D 28 2.12 16.55 28.82
C ARG D 28 2.66 17.85 29.35
N HIS D 29 3.62 18.41 28.61
CA HIS D 29 4.16 19.75 28.90
C HIS D 29 4.09 20.73 27.73
N GLY D 30 3.26 20.42 26.73
CA GLY D 30 3.02 21.34 25.62
C GLY D 30 3.48 20.90 24.25
N ILE D 31 4.20 19.77 24.17
CA ILE D 31 4.67 19.27 22.87
C ILE D 31 3.48 19.05 21.92
N GLU D 32 2.32 18.67 22.48
CA GLU D 32 1.12 18.45 21.67
C GLU D 32 0.65 19.73 20.95
N THR D 33 1.08 20.91 21.44
CA THR D 33 0.64 22.17 20.85
C THR D 33 1.41 22.54 19.59
N LEU D 34 2.45 21.76 19.27
CA LEU D 34 3.26 22.06 18.09
C LEU D 34 2.63 21.45 16.84
N GLU D 35 2.33 22.29 15.86
CA GLU D 35 1.74 21.84 14.62
C GLU D 35 2.57 20.69 14.00
N GLY D 36 3.89 20.80 14.11
CA GLY D 36 4.81 19.84 13.48
C GLY D 36 4.97 18.51 14.20
N PHE D 37 4.46 18.43 15.43
CA PHE D 37 4.56 17.20 16.24
C PHE D 37 3.47 16.21 15.92
N ASP D 38 3.85 14.95 15.64
CA ASP D 38 2.90 13.92 15.24
C ASP D 38 2.69 12.86 16.31
N GLY D 39 3.69 12.60 17.14
CA GLY D 39 3.53 11.52 18.11
C GLY D 39 4.82 11.09 18.77
N MET D 40 4.68 10.21 19.76
CA MET D 40 5.82 9.78 20.55
C MET D 40 5.63 8.35 21.08
N PHE D 41 6.74 7.64 21.24
CA PHE D 41 6.79 6.33 21.88
C PHE D 41 7.90 6.39 22.92
N VAL D 42 7.69 5.74 24.07
CA VAL D 42 8.73 5.61 25.07
C VAL D 42 8.93 4.11 25.29
N THR D 43 10.15 3.62 25.04
CA THR D 43 10.40 2.18 24.99
C THR D 43 11.46 1.81 26.03
N GLN D 44 11.46 0.55 26.45
CA GLN D 44 12.58 0.00 27.21
C GLN D 44 13.18 -1.19 26.50
N THR D 45 14.48 -1.14 26.21
CA THR D 45 15.13 -2.21 25.48
C THR D 45 15.17 -3.49 26.30
N LEU D 46 14.80 -4.60 25.67
CA LEU D 46 14.77 -5.90 26.35
C LEU D 46 16.15 -6.57 26.37
N GLU D 47 16.45 -7.30 27.45
CA GLU D 47 17.70 -8.07 27.62
C GLU D 47 18.96 -7.21 27.77
N GLN D 48 18.86 -6.18 28.61
CA GLN D 48 19.96 -5.26 28.81
C GLN D 48 20.78 -5.67 30.04
N GLU D 49 22.10 -5.47 29.97
CA GLU D 49 23.05 -6.03 30.95
C GLU D 49 23.30 -5.11 32.15
N ASP D 50 24.19 -4.14 31.98
CA ASP D 50 24.66 -3.30 33.09
C ASP D 50 23.65 -2.24 33.50
N PHE D 51 22.90 -1.73 32.52
CA PHE D 51 22.01 -0.59 32.72
C PHE D 51 20.63 -0.87 32.08
N ASP D 52 19.62 -0.10 32.48
CA ASP D 52 18.36 -0.05 31.74
C ASP D 52 18.57 0.89 30.56
N GLU D 53 17.81 0.68 29.49
CA GLU D 53 17.91 1.58 28.36
C GLU D 53 16.50 2.02 28.00
N VAL D 54 16.27 3.32 27.98
CA VAL D 54 14.95 3.88 27.65
C VAL D 54 15.14 4.78 26.44
N LYS D 55 14.29 4.62 25.43
CA LYS D 55 14.36 5.49 24.28
C LYS D 55 13.08 6.28 24.20
N ILE D 56 13.21 7.57 23.93
CA ILE D 56 12.06 8.41 23.65
C ILE D 56 12.08 8.68 22.16
N LEU D 57 11.10 8.14 21.44
CA LEU D 57 11.02 8.36 19.99
C LEU D 57 9.97 9.42 19.68
N THR D 58 10.34 10.45 18.92
CA THR D 58 9.37 11.49 18.56
C THR D 58 9.28 11.62 17.05
N VAL D 59 8.06 11.80 16.56
CA VAL D 59 7.78 11.79 15.12
C VAL D 59 7.20 13.12 14.74
N TRP D 60 7.73 13.68 13.64
CA TRP D 60 7.50 15.07 13.28
C TRP D 60 7.23 15.19 11.79
N LYS D 61 6.61 16.30 11.42
CA LYS D 61 6.34 16.61 10.02
C LYS D 61 7.61 17.03 9.27
N SER D 62 8.64 17.45 10.01
CA SER D 62 9.91 17.96 9.47
C SER D 62 11.02 18.08 10.53
N LYS D 63 12.27 18.12 10.08
CA LYS D 63 13.40 18.39 10.96
C LYS D 63 13.26 19.74 11.66
N GLN D 64 12.82 20.75 10.90
CA GLN D 64 12.60 22.12 11.41
C GLN D 64 11.65 22.16 12.62
N ALA D 65 10.52 21.47 12.50
CA ALA D 65 9.57 21.32 13.61
C ALA D 65 10.22 20.82 14.90
N PHE D 66 11.07 19.78 14.78
CA PHE D 66 11.83 19.26 15.92
C PHE D 66 12.92 20.18 16.48
N THR D 67 13.81 20.69 15.63
CA THR D 67 15.01 21.36 16.16
C THR D 67 14.60 22.67 16.82
N ASP D 68 13.43 23.19 16.43
CA ASP D 68 12.83 24.34 17.07
C ASP D 68 12.33 23.95 18.45
N TRP D 69 11.47 22.92 18.52
CA TRP D 69 11.00 22.40 19.82
C TRP D 69 12.16 22.29 20.79
N LEU D 70 13.29 21.73 20.34
CA LEU D 70 14.49 21.62 21.17
C LEU D 70 14.84 22.89 21.94
N LYS D 71 14.63 24.04 21.31
CA LYS D 71 15.05 25.32 21.85
C LYS D 71 13.87 26.15 22.40
N SER D 72 12.69 25.53 22.48
CA SER D 72 11.48 26.22 22.93
C SER D 72 11.32 26.21 24.46
N ASP D 73 10.43 27.07 24.96
CA ASP D 73 10.04 27.08 26.37
C ASP D 73 9.26 25.82 26.72
N VAL D 74 8.62 25.25 25.71
CA VAL D 74 7.87 24.00 25.85
C VAL D 74 8.83 22.86 26.22
N PHE D 75 9.94 22.78 25.51
CA PHE D 75 10.98 21.82 25.85
C PHE D 75 11.50 22.03 27.27
N LYS D 76 11.74 23.29 27.64
CA LYS D 76 12.24 23.65 28.98
C LYS D 76 11.28 23.24 30.09
N ALA D 77 9.97 23.40 29.85
CA ALA D 77 8.96 22.99 30.82
C ALA D 77 9.05 21.50 31.10
N ALA D 78 9.28 20.73 30.04
CA ALA D 78 9.36 19.28 30.18
C ALA D 78 10.61 18.87 30.96
N HIS D 79 11.72 19.58 30.73
CA HIS D 79 13.04 19.13 31.20
C HIS D 79 13.53 19.97 32.37
N LYS D 80 12.60 20.71 32.98
CA LYS D 80 12.89 21.67 34.04
C LYS D 80 13.59 21.01 35.22
N HIS D 81 13.00 19.92 35.71
CA HIS D 81 13.51 19.23 36.89
C HIS D 81 14.34 17.99 36.59
N VAL D 82 14.68 17.76 35.31
CA VAL D 82 15.49 16.59 34.96
C VAL D 82 16.98 16.91 35.00
N ARG D 83 17.72 16.04 35.70
CA ARG D 83 19.16 16.17 35.83
C ARG D 83 19.86 14.87 35.47
N SER D 84 21.08 14.99 34.97
CA SER D 84 21.97 13.84 34.76
C SER D 84 22.75 13.64 36.07
N LYS D 85 23.43 12.50 36.18
CA LYS D 85 24.19 12.16 37.38
C LYS D 85 25.31 13.15 37.71
N ASN D 86 25.91 13.73 36.68
CA ASN D 86 26.96 14.75 36.82
C ASN D 86 26.50 15.99 37.59
N GLU D 87 25.25 16.38 37.38
CA GLU D 87 24.67 17.61 37.94
C GLU D 87 23.94 17.33 39.25
N ASP D 88 23.41 16.11 39.39
CA ASP D 88 22.79 15.62 40.60
C ASP D 88 23.11 14.14 40.74
N GLU D 89 23.86 13.78 41.79
CA GLU D 89 24.35 12.42 42.00
C GLU D 89 23.22 11.41 42.24
N SER D 90 22.07 11.89 42.68
CA SER D 90 20.92 11.02 42.95
C SER D 90 20.18 10.63 41.65
N SER D 91 20.45 11.35 40.57
CA SER D 91 19.82 11.08 39.26
C SER D 91 20.22 9.72 38.72
N PRO D 92 19.21 8.95 38.22
CA PRO D 92 19.48 7.63 37.63
C PRO D 92 20.03 7.67 36.19
N ILE D 93 20.17 8.87 35.63
CA ILE D 93 20.55 9.03 34.23
C ILE D 93 22.07 8.99 34.04
N ILE D 94 22.53 7.91 33.42
CA ILE D 94 23.95 7.58 33.28
C ILE D 94 24.56 8.22 32.03
N ASN D 95 23.78 8.27 30.96
CA ASN D 95 24.26 8.77 29.68
C ASN D 95 23.04 9.08 28.80
N ASN D 96 23.24 9.95 27.81
CA ASN D 96 22.22 10.21 26.79
C ASN D 96 22.84 10.45 25.43
N LYS D 97 22.14 10.01 24.39
CA LYS D 97 22.54 10.21 23.00
C LYS D 97 21.30 10.64 22.23
N VAL D 98 21.46 11.57 21.28
CA VAL D 98 20.35 11.96 20.42
C VAL D 98 20.66 11.48 19.01
N ILE D 99 19.72 10.74 18.40
CA ILE D 99 19.87 10.21 17.03
C ILE D 99 18.66 10.68 16.24
N THR D 100 18.88 11.11 15.00
CA THR D 100 17.78 11.58 14.17
C THR D 100 17.70 10.82 12.85
N TYR D 101 16.50 10.83 12.24
CA TYR D 101 16.19 9.96 11.10
C TYR D 101 15.24 10.65 10.14
N ASP D 102 15.38 10.39 8.85
CA ASP D 102 14.28 10.61 7.92
C ASP D 102 13.32 9.42 8.01
N ILE D 103 12.02 9.68 8.07
CA ILE D 103 11.08 8.59 7.95
C ILE D 103 10.73 8.45 6.47
N GLY D 104 11.10 7.30 5.92
CA GLY D 104 10.87 7.06 4.50
C GLY D 104 9.53 6.42 4.21
N TYR D 105 8.99 5.70 5.20
CA TYR D 105 7.68 5.09 5.10
C TYR D 105 7.06 4.98 6.49
N SER D 106 5.76 5.23 6.58
CA SER D 106 5.06 4.93 7.80
C SER D 106 3.66 4.39 7.50
N TYR D 107 3.18 3.51 8.38
CA TYR D 107 1.82 3.02 8.29
C TYR D 107 1.33 2.69 9.68
N MET D 108 0.25 3.36 10.10
CA MET D 108 -0.38 3.03 11.39
C MET D 108 -1.75 2.42 11.10
N LYS D 109 -1.95 1.21 11.61
CA LYS D 109 -3.07 0.37 11.22
C LYS D 109 -4.23 0.62 12.19
#